data_1UOF
#
_entry.id   1UOF
#
_cell.length_a   106.500
_cell.length_b   106.500
_cell.length_c   72.100
_cell.angle_alpha   90.00
_cell.angle_beta   90.00
_cell.angle_gamma   120.00
#
_symmetry.space_group_name_H-M   'H 3'
#
loop_
_entity.id
_entity.type
_entity.pdbx_description
1 polymer 'DEACETOXYCEPHALOSPORIN C SYNTHETASE'
2 non-polymer 'FE (II) ION'
3 non-polymer 'PENICILLIN G'
4 water water
#
_entity_poly.entity_id   1
_entity_poly.type   'polypeptide(L)'
_entity_poly.pdbx_seq_one_letter_code
;MDTTVPTFSLAELQQGLHQDEFRRCLRDKGLFYLTDCGLTDTELKSAKDLVIDFFEHGSEAEKRAVTSPVPTMRRGFTGL
ESESTAQITNTGSYSDYSMCYSMGTADNLFPSGDFERIWTQYFDRQYTASRAVAREVLRATGTEPDGGVEAFLDCEPLLR
FRYFPQVPEHRSAEEQPLRMAPHYDLSMVTLIQQTPCANGFVSLQAEVGGAFTDLPYRPDAVLVFCGAIATLVTGGQVKA
PRHHVAAPRRDQIAGSSRTSSVFFLRPNADFTFSVPLARECGFDVSLDGETATFQDWIGGNYVNIRRTSKA
;
_entity_poly.pdbx_strand_id   A
#
# COMPACT_ATOMS: atom_id res chain seq x y z
N MET A 1 24.77 -8.41 3.27
CA MET A 1 23.48 -7.75 3.64
C MET A 1 23.23 -7.74 5.19
N ASP A 2 23.05 -6.54 5.76
CA ASP A 2 22.60 -6.44 7.16
C ASP A 2 21.06 -6.45 7.24
N THR A 3 20.54 -6.46 8.48
CA THR A 3 19.13 -6.70 8.82
C THR A 3 18.39 -5.43 9.23
N THR A 4 18.95 -4.28 8.84
CA THR A 4 18.43 -2.94 9.12
C THR A 4 17.43 -2.64 8.05
N VAL A 5 16.30 -2.15 8.47
CA VAL A 5 15.27 -1.65 7.49
C VAL A 5 15.77 -0.27 7.19
N PRO A 6 16.07 0.00 5.94
CA PRO A 6 16.62 1.29 5.55
C PRO A 6 15.59 2.37 5.44
N THR A 7 16.11 3.59 5.38
CA THR A 7 15.31 4.78 5.12
C THR A 7 15.89 5.48 3.89
N PHE A 8 15.01 5.97 3.03
CA PHE A 8 15.39 6.77 1.92
C PHE A 8 14.54 8.01 1.87
N SER A 9 15.20 9.12 1.53
CA SER A 9 14.50 10.33 1.15
C SER A 9 14.04 10.26 -0.32
N LEU A 10 12.76 10.48 -0.55
CA LEU A 10 12.24 10.45 -1.94
C LEU A 10 12.91 11.51 -2.78
N ALA A 11 13.08 12.69 -2.20
CA ALA A 11 13.74 13.75 -2.95
C ALA A 11 15.18 13.37 -3.33
N GLU A 12 15.96 12.76 -2.41
CA GLU A 12 17.29 12.31 -2.77
C GLU A 12 17.23 11.25 -3.85
N LEU A 13 16.27 10.35 -3.80
CA LEU A 13 16.15 9.33 -4.82
C LEU A 13 15.89 9.96 -6.17
N GLN A 14 14.97 10.90 -6.19
CA GLN A 14 14.57 11.60 -7.44
C GLN A 14 15.77 12.36 -8.02
N GLN A 15 16.69 12.82 -7.15
CA GLN A 15 17.97 13.46 -7.57
C GLN A 15 19.08 12.45 -8.00
N GLY A 16 18.81 11.13 -8.05
CA GLY A 16 19.79 10.12 -8.45
C GLY A 16 20.76 9.58 -7.43
N LEU A 17 20.47 9.90 -6.16
CA LEU A 17 21.34 9.52 -5.07
C LEU A 17 20.92 8.13 -4.63
N HIS A 18 21.87 7.43 -4.01
CA HIS A 18 21.71 6.12 -3.35
C HIS A 18 21.13 5.04 -4.26
N GLN A 19 21.43 5.12 -5.55
CA GLN A 19 21.00 4.10 -6.50
C GLN A 19 21.29 2.64 -6.14
N ASP A 20 22.51 2.31 -5.71
CA ASP A 20 22.89 0.94 -5.45
C ASP A 20 22.17 0.48 -4.25
N GLU A 21 22.14 1.36 -3.26
CA GLU A 21 21.58 1.05 -1.95
C GLU A 21 20.11 0.78 -2.12
N PHE A 22 19.46 1.64 -2.87
CA PHE A 22 17.98 1.47 -3.19
C PHE A 22 17.68 0.16 -3.93
N ARG A 23 18.38 -0.09 -5.02
CA ARG A 23 18.22 -1.27 -5.81
C ARG A 23 18.42 -2.53 -4.99
N ARG A 24 19.47 -2.59 -4.19
CA ARG A 24 19.69 -3.76 -3.35
C ARG A 24 18.62 -3.89 -2.25
N CYS A 25 18.19 -2.77 -1.67
CA CYS A 25 17.09 -2.80 -0.74
C CYS A 25 15.87 -3.48 -1.38
N LEU A 26 15.54 -3.06 -2.59
CA LEU A 26 14.35 -3.62 -3.28
C LEU A 26 14.46 -5.11 -3.54
N ARG A 27 15.65 -5.55 -3.97
CA ARG A 27 15.92 -6.95 -4.31
C ARG A 27 15.98 -7.79 -3.03
N ASP A 28 16.64 -7.30 -1.98
CA ASP A 28 16.94 -8.15 -0.85
C ASP A 28 16.01 -8.06 0.33
N LYS A 29 15.29 -6.93 0.45
CA LYS A 29 14.37 -6.62 1.57
C LYS A 29 12.93 -6.29 1.13
N GLY A 30 12.82 -5.42 0.14
CA GLY A 30 11.48 -5.04 -0.35
C GLY A 30 10.68 -4.20 0.61
N LEU A 31 11.33 -3.54 1.62
CA LEU A 31 10.64 -2.56 2.42
C LEU A 31 11.67 -1.51 2.87
N PHE A 32 11.14 -0.38 3.23
CA PHE A 32 11.94 0.79 3.63
C PHE A 32 11.06 1.88 4.18
N TYR A 33 11.60 2.80 5.02
CA TYR A 33 10.92 4.02 5.35
C TYR A 33 11.26 5.08 4.30
N LEU A 34 10.31 5.94 4.04
CA LEU A 34 10.44 6.99 3.04
C LEU A 34 10.14 8.36 3.68
N THR A 35 11.15 9.22 3.60
CA THR A 35 11.05 10.61 4.01
C THR A 35 10.88 11.49 2.78
N ASP A 36 10.60 12.78 3.02
CA ASP A 36 10.74 13.81 1.98
C ASP A 36 9.82 13.47 0.80
N CYS A 37 8.61 13.09 1.13
CA CYS A 37 7.61 12.61 0.11
C CYS A 37 6.27 13.33 0.30
N GLY A 38 6.21 14.42 1.05
CA GLY A 38 5.00 15.17 1.38
C GLY A 38 4.01 14.65 2.39
N LEU A 39 4.45 13.74 3.24
CA LEU A 39 3.59 13.15 4.24
C LEU A 39 4.04 13.53 5.64
N THR A 40 3.95 14.80 5.92
CA THR A 40 4.32 15.33 7.23
C THR A 40 3.31 14.91 8.32
N ASP A 41 3.80 14.60 9.52
CA ASP A 41 2.92 14.32 10.66
C ASP A 41 1.76 15.33 10.88
N THR A 42 1.97 16.61 10.57
CA THR A 42 0.91 17.60 10.73
C THR A 42 -0.42 17.10 10.17
N GLU A 43 -0.31 16.61 8.94
CA GLU A 43 -1.41 16.34 8.03
C GLU A 43 -2.20 15.11 8.39
N LEU A 44 -1.47 14.06 8.72
CA LEU A 44 -2.08 12.90 9.33
C LEU A 44 -2.92 13.34 10.55
N LYS A 45 -2.53 14.45 11.24
CA LYS A 45 -3.31 14.94 12.40
C LYS A 45 -4.64 15.48 11.95
N SER A 46 -4.62 16.36 10.96
CA SER A 46 -5.84 17.01 10.53
C SER A 46 -6.89 15.92 10.17
N ALA A 47 -6.43 15.00 9.31
CA ALA A 47 -7.27 13.88 8.82
C ALA A 47 -7.68 12.92 9.94
N LYS A 48 -6.72 12.53 10.79
CA LYS A 48 -6.92 11.66 11.92
C LYS A 48 -7.90 12.26 12.91
N ASP A 49 -7.64 13.49 13.29
CA ASP A 49 -8.56 14.17 14.17
C ASP A 49 -9.98 14.18 13.71
N LEU A 50 -10.28 14.59 12.49
CA LEU A 50 -11.67 14.66 12.14
C LEU A 50 -12.36 13.29 11.88
N VAL A 51 -11.63 12.28 11.39
CA VAL A 51 -12.19 10.94 11.31
C VAL A 51 -12.44 10.39 12.69
N ILE A 52 -11.58 10.73 13.64
CA ILE A 52 -11.66 10.14 14.99
C ILE A 52 -12.85 10.75 15.70
N ASP A 53 -13.15 12.03 15.39
CA ASP A 53 -14.39 12.75 15.83
C ASP A 53 -15.64 12.37 15.17
N PHE A 54 -15.52 11.76 13.99
CA PHE A 54 -16.66 11.10 13.39
C PHE A 54 -16.89 9.70 14.04
N PHE A 55 -15.84 8.93 14.27
CA PHE A 55 -15.91 7.60 14.81
C PHE A 55 -16.51 7.56 16.21
N GLU A 56 -16.07 8.48 17.07
CA GLU A 56 -16.62 8.50 18.42
C GLU A 56 -17.97 9.24 18.55
N HIS A 57 -18.22 10.29 17.76
CA HIS A 57 -19.38 11.20 17.85
C HIS A 57 -20.31 11.27 16.65
N GLY A 58 -20.11 10.41 15.66
CA GLY A 58 -21.02 10.45 14.55
C GLY A 58 -22.18 9.61 15.07
N SER A 59 -23.40 10.03 14.80
CA SER A 59 -24.57 9.25 15.17
C SER A 59 -24.62 8.00 14.30
N GLU A 60 -25.51 7.09 14.65
CA GLU A 60 -25.74 5.88 13.90
C GLU A 60 -26.28 6.22 12.46
N ALA A 61 -27.16 7.25 12.34
CA ALA A 61 -27.70 7.75 11.04
C ALA A 61 -26.66 8.45 10.20
N GLU A 62 -25.76 9.14 10.88
CA GLU A 62 -24.70 9.82 10.16
C GLU A 62 -23.76 8.77 9.64
N LYS A 63 -23.51 7.74 10.43
CA LYS A 63 -22.59 6.67 10.00
C LYS A 63 -23.25 5.91 8.82
N ARG A 64 -24.53 5.56 8.99
CA ARG A 64 -25.30 4.82 7.97
C ARG A 64 -25.31 5.52 6.56
N ALA A 65 -25.41 6.83 6.54
CA ALA A 65 -25.36 7.63 5.31
C ALA A 65 -23.98 7.58 4.59
N VAL A 66 -22.97 7.15 5.31
CA VAL A 66 -21.62 6.96 4.70
C VAL A 66 -21.16 5.50 4.80
N THR A 67 -22.14 4.59 4.92
CA THR A 67 -21.88 3.20 4.84
C THR A 67 -22.42 2.59 3.51
N SER A 68 -21.59 1.88 2.77
CA SER A 68 -22.09 1.14 1.62
C SER A 68 -23.04 0.02 1.98
N PRO A 69 -23.92 -0.33 1.06
CA PRO A 69 -24.88 -1.41 1.34
C PRO A 69 -24.31 -2.80 1.39
N VAL A 70 -23.08 -3.01 0.89
CA VAL A 70 -22.37 -4.30 1.06
C VAL A 70 -21.15 -3.95 1.86
N PRO A 71 -20.84 -4.72 2.85
CA PRO A 71 -19.78 -4.35 3.79
C PRO A 71 -18.38 -4.76 3.33
N THR A 72 -17.93 -4.08 2.30
CA THR A 72 -16.71 -4.46 1.65
C THR A 72 -15.49 -3.63 2.09
N MET A 73 -15.70 -2.58 2.85
CA MET A 73 -14.57 -1.74 3.33
C MET A 73 -13.85 -1.02 2.15
N ARG A 74 -14.55 -0.80 1.05
CA ARG A 74 -13.97 -0.16 -0.12
C ARG A 74 -14.14 1.36 -0.02
N ARG A 75 -15.32 1.82 0.41
CA ARG A 75 -15.65 3.23 0.50
C ARG A 75 -16.43 3.50 1.78
N GLY A 76 -16.08 4.61 2.48
CA GLY A 76 -16.90 5.08 3.56
C GLY A 76 -16.58 4.33 4.83
N PHE A 77 -17.56 4.29 5.72
CA PHE A 77 -17.43 3.77 7.06
C PHE A 77 -17.71 2.28 7.19
N THR A 78 -16.95 1.56 8.03
CA THR A 78 -17.24 0.19 8.35
C THR A 78 -17.04 0.01 9.83
N GLY A 79 -18.04 -0.50 10.52
CA GLY A 79 -17.87 -1.03 11.88
C GLY A 79 -17.45 -2.52 11.83
N LEU A 80 -16.38 -2.87 12.58
CA LEU A 80 -15.59 -4.10 12.32
C LEU A 80 -14.97 -4.75 13.59
N TYR A 97 -14.75 -4.74 16.79
CA TYR A 97 -14.71 -3.67 17.81
C TYR A 97 -13.70 -2.62 17.35
N SER A 98 -13.77 -2.30 16.05
CA SER A 98 -12.96 -1.27 15.41
C SER A 98 -13.81 -0.57 14.35
N MET A 99 -13.32 0.59 13.92
CA MET A 99 -13.97 1.33 12.84
C MET A 99 -12.94 1.59 11.75
N CYS A 100 -13.46 1.63 10.51
CA CYS A 100 -12.61 1.90 9.34
CA CYS A 100 -12.62 1.88 9.33
C CYS A 100 -13.24 3.00 8.52
N TYR A 101 -12.40 3.73 7.82
CA TYR A 101 -12.83 4.76 6.89
C TYR A 101 -12.01 4.48 5.65
N SER A 102 -12.68 4.24 4.52
CA SER A 102 -12.01 3.95 3.24
C SER A 102 -12.30 4.97 2.11
N MET A 103 -11.33 5.13 1.22
CA MET A 103 -11.39 6.10 0.09
C MET A 103 -10.63 5.60 -1.10
N GLY A 104 -11.03 6.06 -2.29
CA GLY A 104 -10.21 6.02 -3.49
C GLY A 104 -10.37 7.30 -4.31
N THR A 105 -10.12 7.15 -5.59
CA THR A 105 -10.10 8.35 -6.43
C THR A 105 -11.48 8.84 -6.78
N ALA A 106 -12.50 8.03 -6.62
CA ALA A 106 -13.91 8.48 -6.93
C ALA A 106 -14.86 7.60 -6.11
N ASP A 107 -16.15 7.89 -6.22
CA ASP A 107 -17.15 7.13 -5.45
C ASP A 107 -17.00 7.11 -3.94
N ASN A 108 -16.55 8.21 -3.42
CA ASN A 108 -16.35 8.31 -2.02
C ASN A 108 -17.59 8.71 -1.30
N LEU A 109 -17.59 8.40 -0.01
CA LEU A 109 -18.66 8.78 0.91
C LEU A 109 -18.15 9.58 2.09
N PHE A 110 -18.57 10.84 2.16
CA PHE A 110 -17.95 11.77 3.10
C PHE A 110 -18.99 12.29 4.11
N PRO A 111 -18.65 12.27 5.40
CA PRO A 111 -19.44 12.99 6.42
C PRO A 111 -19.47 14.47 6.14
N SER A 112 -20.50 15.16 6.63
CA SER A 112 -20.36 16.59 7.00
C SER A 112 -20.21 17.65 5.96
N GLY A 113 -19.40 18.64 6.35
CA GLY A 113 -18.89 19.72 5.56
C GLY A 113 -17.36 19.71 5.40
N ASP A 114 -16.53 19.85 6.44
CA ASP A 114 -15.06 20.05 6.15
C ASP A 114 -14.26 18.73 5.97
N PHE A 115 -14.86 17.59 6.34
CA PHE A 115 -14.20 16.26 6.09
C PHE A 115 -13.72 16.01 4.65
N GLU A 116 -14.60 16.23 3.67
CA GLU A 116 -14.28 16.03 2.25
C GLU A 116 -13.03 16.78 1.87
N ARG A 117 -12.91 18.04 2.28
CA ARG A 117 -11.72 18.81 1.90
C ARG A 117 -10.45 18.20 2.44
N ILE A 118 -10.48 17.93 3.73
CA ILE A 118 -9.32 17.46 4.44
C ILE A 118 -8.90 16.11 3.89
N TRP A 119 -9.88 15.23 3.73
CA TRP A 119 -9.59 13.86 3.35
C TRP A 119 -9.24 13.74 1.90
N THR A 120 -9.83 14.60 1.01
CA THR A 120 -9.38 14.63 -0.40
C THR A 120 -7.94 15.08 -0.52
N GLN A 121 -7.53 16.11 0.18
CA GLN A 121 -6.16 16.52 0.22
C GLN A 121 -5.24 15.42 0.80
N TYR A 122 -5.68 14.75 1.89
CA TYR A 122 -4.85 13.69 2.48
C TYR A 122 -4.65 12.49 1.48
N PHE A 123 -5.76 12.06 0.92
CA PHE A 123 -5.72 11.01 -0.08
C PHE A 123 -4.79 11.41 -1.21
N ASP A 124 -4.86 12.66 -1.69
CA ASP A 124 -4.05 13.07 -2.82
C ASP A 124 -2.58 13.01 -2.53
N ARG A 125 -2.23 13.44 -1.34
CA ARG A 125 -0.83 13.39 -0.86
C ARG A 125 -0.31 12.00 -0.81
N GLN A 126 -1.16 11.08 -0.40
CA GLN A 126 -0.72 9.71 -0.32
CA GLN A 126 -0.79 9.68 -0.29
C GLN A 126 -0.68 9.06 -1.67
N TYR A 127 -1.61 9.43 -2.58
CA TYR A 127 -1.59 8.83 -3.90
C TYR A 127 -0.37 9.33 -4.69
N THR A 128 -0.05 10.59 -4.48
CA THR A 128 1.10 11.16 -5.14
C THR A 128 2.39 10.56 -4.65
N ALA A 129 2.51 10.38 -3.31
CA ALA A 129 3.72 9.78 -2.76
C ALA A 129 3.90 8.34 -3.22
N SER A 130 2.80 7.60 -3.22
CA SER A 130 2.75 6.23 -3.66
CA SER A 130 2.79 6.22 -3.67
C SER A 130 3.18 6.06 -5.15
N ARG A 131 2.63 6.92 -6.04
CA ARG A 131 3.01 6.90 -7.47
C ARG A 131 4.48 7.26 -7.63
N ALA A 132 4.94 8.26 -6.87
CA ALA A 132 6.31 8.69 -6.91
C ALA A 132 7.31 7.65 -6.51
N VAL A 133 7.02 6.92 -5.42
CA VAL A 133 7.96 5.89 -5.03
C VAL A 133 7.91 4.73 -6.02
N ALA A 134 6.73 4.42 -6.55
CA ALA A 134 6.58 3.34 -7.45
C ALA A 134 7.38 3.69 -8.76
N ARG A 135 7.31 5.00 -9.13
CA ARG A 135 8.05 5.49 -10.29
C ARG A 135 9.55 5.23 -10.12
N GLU A 136 10.02 5.44 -8.89
CA GLU A 136 11.45 5.21 -8.54
C GLU A 136 11.80 3.73 -8.52
N VAL A 137 10.85 2.89 -8.11
CA VAL A 137 11.04 1.49 -8.10
C VAL A 137 11.17 1.01 -9.55
N LEU A 138 10.31 1.46 -10.44
CA LEU A 138 10.42 1.12 -11.81
C LEU A 138 11.70 1.58 -12.43
N ARG A 139 12.04 2.83 -12.18
CA ARG A 139 13.29 3.38 -12.71
C ARG A 139 14.50 2.63 -12.24
N ALA A 140 14.56 2.26 -10.97
CA ALA A 140 15.74 1.66 -10.34
C ALA A 140 16.04 0.28 -10.93
N THR A 141 15.00 -0.32 -11.47
CA THR A 141 15.01 -1.67 -12.03
C THR A 141 14.91 -1.71 -13.53
N GLY A 142 14.92 -0.56 -14.15
CA GLY A 142 14.88 -0.50 -15.59
C GLY A 142 13.64 -1.01 -16.23
N THR A 143 12.49 -0.87 -15.52
CA THR A 143 11.22 -1.46 -15.98
C THR A 143 10.31 -0.49 -16.69
N GLU A 144 9.86 -0.89 -17.88
CA GLU A 144 8.82 -0.22 -18.66
C GLU A 144 7.65 -1.14 -18.66
N PRO A 145 6.60 -0.90 -17.86
CA PRO A 145 5.40 -1.73 -17.94
C PRO A 145 4.81 -1.77 -19.30
N ASP A 146 4.15 -2.87 -19.67
CA ASP A 146 3.41 -2.94 -20.87
C ASP A 146 2.42 -1.78 -20.88
N GLY A 147 2.37 -0.96 -21.91
CA GLY A 147 1.52 0.16 -21.93
C GLY A 147 2.12 1.41 -21.39
N GLY A 148 3.32 1.38 -20.80
CA GLY A 148 4.00 2.55 -20.26
C GLY A 148 3.80 2.78 -18.77
N VAL A 149 4.74 3.56 -18.26
CA VAL A 149 4.80 3.90 -16.87
C VAL A 149 3.59 4.67 -16.40
N GLU A 150 3.20 5.77 -17.05
CA GLU A 150 2.16 6.59 -16.44
C GLU A 150 0.77 5.90 -16.50
N ALA A 151 0.43 5.13 -17.55
CA ALA A 151 -0.85 4.39 -17.57
C ALA A 151 -0.88 3.31 -16.49
N PHE A 152 0.29 2.72 -16.22
CA PHE A 152 0.42 1.77 -15.10
C PHE A 152 0.14 2.35 -13.74
N LEU A 153 0.66 3.55 -13.50
CA LEU A 153 0.52 4.23 -12.24
C LEU A 153 -0.82 4.99 -12.02
N ASP A 154 -1.54 5.23 -13.07
CA ASP A 154 -2.87 5.79 -13.03
C ASP A 154 -3.79 4.63 -12.87
N CYS A 155 -4.01 4.26 -11.58
CA CYS A 155 -4.46 2.89 -11.27
C CYS A 155 -5.69 2.93 -10.32
N GLU A 156 -5.75 1.95 -9.36
CA GLU A 156 -6.90 1.68 -8.59
C GLU A 156 -6.53 1.68 -7.11
N PRO A 157 -6.07 2.80 -6.59
CA PRO A 157 -5.65 2.84 -5.15
C PRO A 157 -6.82 2.69 -4.23
N LEU A 158 -6.47 2.27 -3.02
CA LEU A 158 -7.46 2.14 -1.94
C LEU A 158 -6.75 2.54 -0.65
N LEU A 159 -7.38 3.47 0.12
CA LEU A 159 -6.85 3.98 1.39
C LEU A 159 -7.83 3.49 2.43
N ARG A 160 -7.31 2.83 3.45
CA ARG A 160 -8.11 2.45 4.65
C ARG A 160 -7.48 3.03 5.93
N PHE A 161 -8.28 3.74 6.73
CA PHE A 161 -7.84 4.30 8.06
C PHE A 161 -8.59 3.50 9.10
N ARG A 162 -7.89 2.79 10.03
CA ARG A 162 -8.52 1.89 11.01
C ARG A 162 -8.26 2.46 12.42
N TYR A 163 -9.26 2.40 13.29
CA TYR A 163 -9.23 2.97 14.67
C TYR A 163 -9.77 1.96 15.69
N PHE A 164 -9.09 1.79 16.81
CA PHE A 164 -9.55 0.92 17.89
C PHE A 164 -10.00 1.67 19.16
N ARG A 179 -2.97 -11.10 15.49
CA ARG A 179 -3.93 -10.06 15.12
C ARG A 179 -3.92 -9.84 13.58
N MET A 180 -2.76 -9.99 12.96
CA MET A 180 -2.72 -10.15 11.51
C MET A 180 -1.72 -11.28 11.34
N ALA A 181 -2.16 -12.39 10.76
CA ALA A 181 -1.26 -13.52 10.50
C ALA A 181 -0.36 -13.06 9.36
N PRO A 182 0.82 -13.68 9.21
CA PRO A 182 1.73 -13.28 8.15
C PRO A 182 1.12 -13.38 6.76
N HIS A 183 1.36 -12.33 6.00
CA HIS A 183 0.91 -12.27 4.62
C HIS A 183 1.83 -11.34 3.91
N TYR A 184 1.74 -11.38 2.58
CA TYR A 184 2.37 -10.41 1.75
C TYR A 184 1.29 -9.67 0.95
N ASP A 185 1.65 -8.49 0.49
CA ASP A 185 0.67 -7.62 -0.23
C ASP A 185 0.71 -7.94 -1.67
N LEU A 186 -0.44 -7.83 -2.31
CA LEU A 186 -0.64 -7.95 -3.73
C LEU A 186 -0.64 -6.60 -4.48
N SER A 187 -0.31 -5.54 -3.85
CA SER A 187 -0.13 -4.21 -4.40
C SER A 187 1.17 -4.10 -5.19
N MET A 188 1.31 -2.98 -5.90
CA MET A 188 2.58 -2.51 -6.34
C MET A 188 3.44 -2.06 -5.16
N VAL A 189 2.95 -1.07 -4.48
CA VAL A 189 3.49 -0.69 -3.12
C VAL A 189 2.39 -0.42 -2.21
N THR A 190 2.65 -0.48 -0.88
CA THR A 190 1.72 -0.19 0.16
C THR A 190 2.39 0.84 1.04
N LEU A 191 1.74 1.95 1.29
CA LEU A 191 2.23 3.01 2.26
C LEU A 191 1.51 2.93 3.56
N ILE A 192 2.25 2.97 4.69
CA ILE A 192 1.60 2.77 5.95
C ILE A 192 2.04 3.87 6.85
N GLN A 193 1.09 4.64 7.31
CA GLN A 193 1.40 5.66 8.36
C GLN A 193 0.82 5.16 9.64
N GLN A 194 1.51 5.25 10.77
CA GLN A 194 0.82 4.87 12.03
C GLN A 194 0.95 5.90 13.14
N THR A 195 0.16 5.70 14.22
CA THR A 195 0.40 6.30 15.56
C THR A 195 1.22 5.37 16.46
N PRO A 196 2.20 5.93 17.16
CA PRO A 196 3.16 5.14 17.97
C PRO A 196 2.62 4.52 19.29
N PHE A 201 5.82 -0.75 22.67
CA PHE A 201 5.50 -2.01 22.02
C PHE A 201 5.39 -1.75 20.48
N VAL A 202 6.05 -2.59 19.71
CA VAL A 202 5.96 -2.45 18.25
C VAL A 202 5.21 -3.70 17.70
N SER A 203 3.94 -3.48 17.36
CA SER A 203 3.14 -4.58 16.81
C SER A 203 3.52 -4.99 15.36
N LEU A 204 3.91 -4.05 14.51
CA LEU A 204 4.14 -4.41 13.10
C LEU A 204 5.53 -4.97 12.95
N GLN A 205 5.67 -6.13 12.33
CA GLN A 205 6.92 -6.74 12.05
C GLN A 205 6.92 -7.28 10.63
N ALA A 206 8.11 -7.38 10.07
CA ALA A 206 8.33 -7.93 8.79
C ALA A 206 9.50 -8.83 8.79
N GLU A 207 9.47 -9.79 7.87
CA GLU A 207 10.58 -10.65 7.63
C GLU A 207 11.70 -9.84 6.97
N VAL A 208 12.80 -9.72 7.67
CA VAL A 208 14.05 -9.24 7.08
C VAL A 208 15.19 -10.19 7.44
N GLY A 209 15.87 -10.65 6.41
CA GLY A 209 16.95 -11.66 6.54
C GLY A 209 16.54 -12.97 7.19
N GLY A 210 15.29 -13.33 7.05
CA GLY A 210 14.84 -14.61 7.52
C GLY A 210 14.28 -14.53 8.92
N ALA A 211 14.11 -13.35 9.47
CA ALA A 211 13.51 -13.20 10.79
C ALA A 211 12.61 -11.94 10.98
N PHE A 212 11.61 -11.99 11.85
CA PHE A 212 10.72 -10.84 11.92
C PHE A 212 11.38 -9.70 12.71
N THR A 213 11.23 -8.50 12.18
CA THR A 213 11.84 -7.25 12.68
C THR A 213 10.82 -6.14 12.96
N ASP A 214 11.00 -5.42 14.06
CA ASP A 214 10.10 -4.38 14.42
C ASP A 214 10.09 -3.27 13.41
N LEU A 215 8.92 -2.72 13.21
CA LEU A 215 8.72 -1.60 12.30
C LEU A 215 7.98 -0.53 13.02
N PRO A 216 8.67 0.24 13.85
CA PRO A 216 8.03 1.28 14.66
C PRO A 216 7.64 2.57 13.89
N TYR A 217 6.67 3.37 14.38
CA TYR A 217 6.36 4.74 13.91
C TYR A 217 7.66 5.56 13.77
N ARG A 218 7.75 6.27 12.66
CA ARG A 218 8.87 7.11 12.33
C ARG A 218 8.26 8.48 12.09
N PRO A 219 8.62 9.41 12.96
CA PRO A 219 8.13 10.77 12.86
C PRO A 219 7.90 11.28 11.45
N ASP A 220 8.83 11.52 10.59
CA ASP A 220 8.28 12.14 9.39
C ASP A 220 8.46 11.17 8.26
N ALA A 221 8.25 9.89 8.53
CA ALA A 221 8.45 8.93 7.51
C ALA A 221 7.18 8.06 7.35
N VAL A 222 7.03 7.52 6.17
CA VAL A 222 6.06 6.50 5.91
C VAL A 222 6.79 5.18 5.63
N LEU A 223 6.19 4.05 6.00
CA LEU A 223 6.74 2.74 5.82
C LEU A 223 6.17 2.27 4.50
N VAL A 224 7.07 1.82 3.64
CA VAL A 224 6.68 1.30 2.33
C VAL A 224 6.96 -0.22 2.26
N PHE A 225 5.94 -1.02 1.91
CA PHE A 225 6.14 -2.43 1.64
C PHE A 225 6.00 -2.51 0.13
N CYS A 226 6.91 -3.18 -0.54
CA CYS A 226 6.70 -3.58 -1.94
C CYS A 226 5.74 -4.76 -1.91
N GLY A 227 4.81 -4.82 -2.85
CA GLY A 227 3.97 -5.98 -2.93
C GLY A 227 4.26 -6.78 -4.22
N ALA A 228 3.45 -7.79 -4.42
CA ALA A 228 3.66 -8.81 -5.46
C ALA A 228 3.64 -8.23 -6.84
N ILE A 229 2.93 -7.14 -7.03
CA ILE A 229 2.86 -6.55 -8.37
C ILE A 229 4.19 -5.88 -8.65
N ALA A 230 4.92 -5.34 -7.63
CA ALA A 230 6.30 -4.90 -7.86
C ALA A 230 7.19 -6.01 -8.34
N THR A 231 7.12 -7.18 -7.68
CA THR A 231 7.88 -8.33 -8.09
C THR A 231 7.51 -8.69 -9.55
N LEU A 232 6.22 -8.74 -9.81
CA LEU A 232 5.76 -9.20 -11.10
C LEU A 232 6.25 -8.26 -12.22
N VAL A 233 5.96 -6.97 -12.09
CA VAL A 233 6.19 -6.04 -13.18
C VAL A 233 7.65 -5.90 -13.47
N THR A 234 8.51 -6.02 -12.44
CA THR A 234 9.97 -5.83 -12.60
C THR A 234 10.69 -7.15 -12.95
N GLY A 235 9.97 -8.20 -13.23
CA GLY A 235 10.58 -9.47 -13.54
C GLY A 235 11.38 -10.06 -12.38
N GLY A 236 10.94 -9.88 -11.13
CA GLY A 236 11.58 -10.49 -10.00
C GLY A 236 12.65 -9.70 -9.32
N GLN A 237 12.78 -8.41 -9.66
CA GLN A 237 13.85 -7.56 -9.10
C GLN A 237 13.52 -6.94 -7.77
N VAL A 238 12.29 -7.16 -7.32
CA VAL A 238 11.81 -6.58 -6.07
C VAL A 238 11.15 -7.69 -5.26
N LYS A 239 11.61 -7.86 -4.03
CA LYS A 239 11.00 -8.70 -3.01
C LYS A 239 9.73 -8.16 -2.46
N ALA A 240 8.74 -9.05 -2.29
CA ALA A 240 7.53 -8.70 -1.59
C ALA A 240 7.52 -9.36 -0.22
N PRO A 241 7.92 -8.61 0.80
CA PRO A 241 8.14 -9.26 2.10
C PRO A 241 6.82 -9.55 2.87
N ARG A 242 6.87 -10.64 3.59
CA ARG A 242 5.84 -11.00 4.53
C ARG A 242 5.92 -10.14 5.80
N HIS A 243 4.77 -9.88 6.32
CA HIS A 243 4.64 -9.05 7.50
C HIS A 243 3.38 -9.43 8.24
N HIS A 244 3.31 -9.02 9.51
CA HIS A 244 2.20 -9.33 10.38
C HIS A 244 2.07 -8.36 11.51
N VAL A 245 1.02 -8.52 12.28
CA VAL A 245 0.92 -7.71 13.46
C VAL A 245 0.97 -8.64 14.68
N ALA A 246 1.99 -8.51 15.51
CA ALA A 246 2.11 -9.34 16.69
C ALA A 246 1.30 -8.77 17.84
N ALA A 247 1.05 -9.65 18.81
CA ALA A 247 0.19 -9.36 19.97
C ALA A 247 1.01 -8.79 21.14
N PRO A 248 0.41 -7.89 21.92
CA PRO A 248 1.09 -7.27 23.09
C PRO A 248 1.10 -8.12 24.37
N ARG A 258 -5.78 2.44 19.22
CA ARG A 258 -4.68 2.83 18.32
C ARG A 258 -5.18 2.78 16.86
N THR A 259 -4.38 3.37 15.96
CA THR A 259 -4.78 3.75 14.57
C THR A 259 -3.69 3.52 13.53
N SER A 260 -4.10 3.20 12.30
CA SER A 260 -3.23 2.92 11.14
C SER A 260 -3.88 3.47 9.88
N SER A 261 -3.08 3.87 8.90
CA SER A 261 -3.49 4.40 7.57
C SER A 261 -2.75 3.55 6.57
N VAL A 262 -3.45 2.78 5.75
CA VAL A 262 -2.76 1.84 4.82
C VAL A 262 -3.28 2.24 3.45
N PHE A 263 -2.33 2.55 2.58
CA PHE A 263 -2.60 2.99 1.17
C PHE A 263 -2.05 1.93 0.26
N PHE A 264 -2.95 1.18 -0.36
CA PHE A 264 -2.61 0.21 -1.41
C PHE A 264 -2.60 0.84 -2.82
N LEU A 265 -1.43 0.85 -3.46
CA LEU A 265 -1.35 1.21 -4.92
C LEU A 265 -1.51 -0.07 -5.73
N ARG A 266 -2.71 -0.23 -6.32
CA ARG A 266 -3.16 -1.47 -6.95
C ARG A 266 -3.27 -1.23 -8.43
N PRO A 267 -2.84 -2.17 -9.25
CA PRO A 267 -2.91 -1.98 -10.71
C PRO A 267 -4.34 -2.00 -11.27
N ASN A 268 -4.52 -1.47 -12.48
CA ASN A 268 -5.75 -1.61 -13.20
C ASN A 268 -5.97 -3.08 -13.58
N ALA A 269 -7.23 -3.48 -13.75
CA ALA A 269 -7.65 -4.79 -14.21
C ALA A 269 -6.96 -5.27 -15.50
N ASP A 270 -6.69 -4.26 -16.34
CA ASP A 270 -6.01 -4.51 -17.58
C ASP A 270 -4.49 -4.47 -17.63
N PHE A 271 -3.81 -4.43 -16.49
CA PHE A 271 -2.43 -4.51 -16.44
C PHE A 271 -2.02 -5.79 -16.98
N THR A 272 -1.14 -5.77 -17.99
CA THR A 272 -0.74 -6.93 -18.70
C THR A 272 0.72 -7.30 -18.51
N PHE A 273 1.00 -8.58 -18.41
CA PHE A 273 2.34 -9.12 -18.09
C PHE A 273 2.57 -10.44 -18.85
N SER A 274 3.85 -10.80 -18.96
CA SER A 274 4.28 -12.02 -19.51
C SER A 274 4.05 -13.20 -18.58
N VAL A 275 3.31 -14.19 -19.04
CA VAL A 275 3.11 -15.43 -18.29
C VAL A 275 4.37 -16.20 -18.01
N PRO A 276 5.22 -16.53 -18.98
CA PRO A 276 6.48 -17.19 -18.63
C PRO A 276 7.34 -16.41 -17.69
N LEU A 277 7.39 -15.10 -17.82
CA LEU A 277 8.15 -14.32 -16.93
C LEU A 277 7.62 -14.42 -15.46
N ALA A 278 6.31 -14.39 -15.31
CA ALA A 278 5.68 -14.55 -14.01
C ALA A 278 6.14 -15.87 -13.36
N ARG A 279 6.09 -16.98 -14.13
CA ARG A 279 6.52 -18.32 -13.63
CA ARG A 279 6.51 -18.28 -13.58
C ARG A 279 7.98 -18.26 -13.18
N GLU A 280 8.84 -17.55 -13.91
CA GLU A 280 10.27 -17.43 -13.53
C GLU A 280 10.53 -16.80 -12.21
N CYS A 281 9.64 -15.96 -11.73
CA CYS A 281 9.89 -15.33 -10.48
C CYS A 281 9.14 -15.85 -9.27
N GLY A 282 8.39 -16.97 -9.47
CA GLY A 282 7.77 -17.69 -8.40
C GLY A 282 6.26 -17.76 -8.41
N PHE A 283 5.63 -17.07 -9.38
CA PHE A 283 4.19 -17.03 -9.44
C PHE A 283 3.63 -18.33 -9.94
N ASP A 284 2.83 -18.97 -9.09
CA ASP A 284 2.27 -20.26 -9.44
C ASP A 284 0.99 -20.13 -10.28
N VAL A 285 1.20 -19.54 -11.46
CA VAL A 285 0.11 -19.22 -12.34
C VAL A 285 -0.42 -20.45 -13.07
N SER A 286 -1.71 -20.42 -13.26
CA SER A 286 -2.52 -21.35 -14.07
C SER A 286 -3.14 -20.59 -15.29
N LEU A 287 -2.30 -20.13 -16.20
CA LEU A 287 -2.70 -19.20 -17.27
C LEU A 287 -2.23 -19.86 -18.55
N ASP A 288 -3.17 -20.08 -19.39
CA ASP A 288 -2.80 -20.59 -20.73
C ASP A 288 -2.21 -19.49 -21.56
N GLY A 289 -1.31 -19.84 -22.48
CA GLY A 289 -0.76 -18.71 -23.26
C GLY A 289 0.19 -17.70 -22.64
N GLU A 290 0.52 -16.70 -23.42
CA GLU A 290 1.81 -16.04 -23.21
C GLU A 290 1.80 -14.70 -22.45
N THR A 291 0.67 -14.01 -22.56
CA THR A 291 0.34 -12.80 -21.80
C THR A 291 -0.95 -12.98 -20.99
N ALA A 292 -1.07 -12.22 -19.91
CA ALA A 292 -2.24 -12.22 -19.19
C ALA A 292 -2.42 -10.90 -18.51
N THR A 293 -3.66 -10.66 -18.02
CA THR A 293 -3.96 -9.41 -17.24
C THR A 293 -4.09 -9.69 -15.80
N PHE A 294 -4.06 -8.60 -15.03
CA PHE A 294 -4.28 -8.72 -13.62
C PHE A 294 -5.59 -9.38 -13.33
N GLN A 295 -6.63 -9.02 -14.02
CA GLN A 295 -7.91 -9.63 -13.90
C GLN A 295 -7.82 -11.15 -14.19
N ASP A 296 -7.12 -11.54 -15.24
CA ASP A 296 -6.95 -12.97 -15.51
C ASP A 296 -6.35 -13.73 -14.30
N TRP A 297 -5.39 -13.07 -13.68
CA TRP A 297 -4.60 -13.72 -12.66
C TRP A 297 -5.40 -13.81 -11.36
N ILE A 298 -5.90 -12.69 -10.91
CA ILE A 298 -6.54 -12.63 -9.58
CA ILE A 298 -6.52 -12.50 -9.56
C ILE A 298 -8.03 -12.77 -9.56
N GLY A 299 -8.69 -12.53 -10.69
CA GLY A 299 -10.10 -12.68 -10.86
C GLY A 299 -10.81 -11.32 -10.85
N GLY A 300 -12.12 -11.38 -10.64
CA GLY A 300 -13.00 -10.21 -10.82
C GLY A 300 -13.23 -9.33 -9.63
N ASN A 301 -12.61 -9.73 -8.51
CA ASN A 301 -12.57 -8.89 -7.33
C ASN A 301 -11.19 -8.64 -6.83
N TYR A 302 -10.80 -7.43 -6.46
CA TYR A 302 -9.47 -7.19 -5.92
C TYR A 302 -9.23 -8.12 -4.71
N VAL A 303 -8.04 -8.63 -4.62
CA VAL A 303 -7.54 -9.34 -3.47
C VAL A 303 -6.31 -8.58 -3.06
N ASN A 304 -6.22 -8.12 -1.81
CA ASN A 304 -5.14 -7.20 -1.40
C ASN A 304 -3.95 -7.88 -0.74
N ILE A 305 -4.19 -9.04 -0.19
CA ILE A 305 -3.12 -9.74 0.53
C ILE A 305 -3.22 -11.21 0.24
N ARG A 306 -2.12 -11.89 0.52
CA ARG A 306 -2.07 -13.36 0.37
C ARG A 306 -1.18 -13.96 1.45
N ARG A 307 -1.60 -15.10 1.97
CA ARG A 307 -0.72 -15.97 2.82
C ARG A 307 0.07 -17.01 1.95
N THR A 308 1.29 -17.33 2.34
CA THR A 308 2.07 -18.37 1.63
C THR A 308 1.43 -19.80 1.62
N SER A 309 0.73 -20.11 2.71
CA SER A 309 -0.09 -21.32 2.91
C SER A 309 -1.05 -21.92 1.82
N LYS A 310 -0.71 -23.09 1.22
CA LYS A 310 -1.72 -23.97 0.54
C LYS A 310 -1.10 -25.23 -0.03
#